data_1BCE
#
_entry.id   1BCE
#
_cell.length_a   1.000
_cell.length_b   1.000
_cell.length_c   1.000
_cell.angle_alpha   90.00
_cell.angle_beta   90.00
_cell.angle_gamma   90.00
#
_symmetry.space_group_name_H-M   'P 1'
#
loop_
_entity.id
_entity.type
_entity.pdbx_description
1 polymer "DNA (5'-D(*AP*AP*GP*GP*AP*A)-3')"
2 polymer "DNA (5'-D(*TP*TP*CP*CP*TP*T)-3')"
#
loop_
_entity_poly.entity_id
_entity_poly.type
_entity_poly.pdbx_seq_one_letter_code
_entity_poly.pdbx_strand_id
1 'polydeoxyribonucleotide' (DA)(DA)(DG)(DG)(DA)(DA) A
2 'polydeoxyribonucleotide' (DT)(DT)(DC)(DC)(DT)(DT) B,C
#
loop_
_chem_comp.id
_chem_comp.type
_chem_comp.name
_chem_comp.formula
DA DNA linking 2'-DEOXYADENOSINE-5'-MONOPHOSPHATE 'C10 H14 N5 O6 P'
DC DNA linking 2'-DEOXYCYTIDINE-5'-MONOPHOSPHATE 'C9 H14 N3 O7 P'
DG DNA linking 2'-DEOXYGUANOSINE-5'-MONOPHOSPHATE 'C10 H14 N5 O7 P'
DT DNA linking THYMIDINE-5'-MONOPHOSPHATE 'C10 H15 N2 O8 P'
#